data_3TUX
#
_entry.id   3TUX
#
_cell.length_a   69.530
_cell.length_b   83.060
_cell.length_c   52.080
_cell.angle_alpha   90.00
_cell.angle_beta   90.00
_cell.angle_gamma   90.00
#
_symmetry.space_group_name_H-M   'P 21 21 2'
#
loop_
_entity.id
_entity.type
_entity.pdbx_description
1 polymer "RNA 3'-terminal phosphate cyclase"
2 non-polymer "ADENOSINE-5'-TRIPHOSPHATE"
3 non-polymer 'MANGANESE (II) ION'
4 non-polymer 'SULFATE ION'
5 non-polymer GLYCEROL
6 non-polymer 1,2-ETHANEDIOL
7 water water
#
_entity_poly.entity_id   1
_entity_poly.type   'polypeptide(L)'
_entity_poly.pdbx_seq_one_letter_code
;GHHHHHHHHHHSSGHIEGRHMKRMIALDGAQGEGGGQILRSALSLSMITGQPFTITSIRAGRAKPGLLRQHLTAVKAATE
ICGATVEGAELGSQRLLFRPGTVRGGDYRFAIGSAGSCTLVLQTVLPALWFADGPSRVEVSGGTDNPSAPPADFIRRVLE
PLLAKIGIHQQTTLLRHGFYPAGGGVVATEVSPVASFNTLQLGERGNIVQMRGEVLLAGVPRHVAEREIATLAGSFSLHE
QNIHNLPRDQGPGNTVSLEVESENITERFFVVGEKRVSAEVVAAQLVKEVKRYLASTAAVGEYLADQLVLPMALAGAGEF
TVAHPSSNLLTNIAVVERFLPVRFSLIETDGVTRVSIE
;
_entity_poly.pdbx_strand_id   A
#
loop_
_chem_comp.id
_chem_comp.type
_chem_comp.name
_chem_comp.formula
ATP non-polymer ADENOSINE-5'-TRIPHOSPHATE 'C10 H16 N5 O13 P3'
EDO non-polymer 1,2-ETHANEDIOL 'C2 H6 O2'
GOL non-polymer GLYCEROL 'C3 H8 O3'
MN non-polymer 'MANGANESE (II) ION' 'Mn 2'
SO4 non-polymer 'SULFATE ION' 'O4 S -2'
#
# COMPACT_ATOMS: atom_id res chain seq x y z
N ARG A 23 -24.38 7.52 12.29
CA ARG A 23 -25.53 7.55 11.40
C ARG A 23 -25.40 6.44 10.35
N MET A 24 -25.33 6.84 9.09
CA MET A 24 -24.91 5.96 8.02
C MET A 24 -24.21 6.79 6.94
N ILE A 25 -22.99 6.40 6.64
CA ILE A 25 -22.24 7.05 5.58
C ILE A 25 -22.45 6.25 4.29
N ALA A 26 -22.98 6.89 3.26
CA ALA A 26 -23.18 6.20 1.99
C ALA A 26 -22.09 6.60 1.02
N LEU A 27 -21.37 5.62 0.50
CA LEU A 27 -20.25 5.89 -0.39
C LEU A 27 -20.55 5.38 -1.78
N ASP A 28 -20.01 6.06 -2.78
CA ASP A 28 -20.15 5.66 -4.17
C ASP A 28 -18.86 4.99 -4.64
N GLY A 29 -18.94 3.69 -4.89
CA GLY A 29 -17.81 2.92 -5.39
C GLY A 29 -17.22 3.42 -6.70
N ALA A 30 -17.97 4.26 -7.42
CA ALA A 30 -17.47 4.86 -8.67
C ALA A 30 -16.53 6.06 -8.45
N GLN A 31 -16.42 6.54 -7.22
CA GLN A 31 -15.53 7.65 -6.92
C GLN A 31 -14.10 7.41 -7.40
N GLY A 32 -13.46 8.47 -7.90
CA GLY A 32 -12.08 8.39 -8.35
C GLY A 32 -11.92 7.42 -9.51
N GLU A 33 -11.00 6.47 -9.37
CA GLU A 33 -10.80 5.47 -10.41
C GLU A 33 -11.68 4.23 -10.24
N GLY A 34 -12.58 4.26 -9.27
CA GLY A 34 -13.58 3.21 -9.10
C GLY A 34 -13.02 1.83 -8.76
N GLY A 35 -11.94 1.78 -8.00
CA GLY A 35 -11.33 0.53 -7.59
C GLY A 35 -11.62 0.18 -6.15
N GLY A 36 -10.84 -0.76 -5.60
CA GLY A 36 -11.03 -1.24 -4.25
C GLY A 36 -10.55 -0.31 -3.14
N GLN A 37 -9.78 0.72 -3.48
CA GLN A 37 -9.19 1.61 -2.45
C GLN A 37 -10.24 2.25 -1.54
N ILE A 38 -11.36 2.69 -2.11
CA ILE A 38 -12.38 3.35 -1.31
C ILE A 38 -12.92 2.39 -0.24
N LEU A 39 -13.07 1.13 -0.62
CA LEU A 39 -13.60 0.12 0.29
C LEU A 39 -12.61 -0.20 1.43
N ARG A 40 -11.36 -0.44 1.08
CA ARG A 40 -10.33 -0.64 2.11
C ARG A 40 -10.24 0.52 3.08
N SER A 41 -10.26 1.75 2.57
CA SER A 41 -10.11 2.90 3.47
C SER A 41 -11.35 3.08 4.33
N ALA A 42 -12.53 2.87 3.74
CA ALA A 42 -13.78 2.90 4.50
C ALA A 42 -13.78 1.88 5.64
N LEU A 43 -13.33 0.66 5.37
CA LEU A 43 -13.30 -0.36 6.41
C LEU A 43 -12.43 0.05 7.59
N SER A 44 -11.23 0.56 7.29
CA SER A 44 -10.31 0.99 8.35
C SER A 44 -10.96 2.05 9.22
N LEU A 45 -11.46 3.08 8.56
CA LEU A 45 -12.01 4.22 9.28
C LEU A 45 -13.31 3.87 10.00
N SER A 46 -14.07 2.95 9.42
CA SER A 46 -15.28 2.48 10.09
C SER A 46 -14.93 1.75 11.38
N MET A 47 -13.97 0.83 11.30
CA MET A 47 -13.53 0.10 12.49
C MET A 47 -13.02 1.04 13.56
N ILE A 48 -12.26 2.04 13.14
CA ILE A 48 -11.64 2.97 14.08
C ILE A 48 -12.67 3.86 14.76
N THR A 49 -13.62 4.37 13.98
CA THR A 49 -14.56 5.37 14.50
C THR A 49 -15.86 4.78 15.03
N GLY A 50 -16.15 3.54 14.68
CA GLY A 50 -17.45 2.96 14.99
C GLY A 50 -18.57 3.38 14.06
N GLN A 51 -18.28 4.23 13.09
CA GLN A 51 -19.32 4.71 12.17
C GLN A 51 -19.61 3.72 11.03
N PRO A 52 -20.88 3.31 10.88
CA PRO A 52 -21.24 2.35 9.82
C PRO A 52 -21.23 3.01 8.46
N PHE A 53 -21.04 2.22 7.41
CA PHE A 53 -21.13 2.74 6.05
C PHE A 53 -21.84 1.77 5.11
N THR A 54 -22.41 2.31 4.04
CA THR A 54 -22.83 1.50 2.93
C THR A 54 -22.07 1.96 1.70
N ILE A 55 -21.68 1.02 0.84
CA ILE A 55 -21.04 1.36 -0.42
C ILE A 55 -21.70 0.60 -1.56
N THR A 56 -21.95 1.29 -2.67
CA THR A 56 -22.58 0.69 -3.84
C THR A 56 -21.62 0.83 -5.01
N SER A 57 -21.91 0.15 -6.11
CA SER A 57 -21.09 0.16 -7.32
C SER A 57 -19.62 -0.14 -7.00
N ILE A 58 -19.38 -1.17 -6.21
CA ILE A 58 -18.01 -1.52 -5.84
C ILE A 58 -17.32 -2.10 -7.06
N ARG A 59 -16.24 -1.44 -7.50
CA ARG A 59 -15.47 -1.87 -8.66
C ARG A 59 -16.35 -2.27 -9.85
N ALA A 60 -17.45 -1.52 -10.02
CA ALA A 60 -18.50 -1.90 -10.96
C ALA A 60 -18.05 -1.82 -12.42
N GLY A 61 -17.07 -0.97 -12.68
CA GLY A 61 -16.58 -0.76 -14.03
C GLY A 61 -15.37 -1.60 -14.43
N ARG A 62 -15.08 -2.64 -13.64
CA ARG A 62 -13.88 -3.45 -13.86
C ARG A 62 -14.17 -4.73 -14.65
N ALA A 63 -13.14 -5.31 -15.26
CA ALA A 63 -13.27 -6.58 -15.98
C ALA A 63 -13.86 -7.67 -15.09
N LYS A 64 -13.32 -7.82 -13.89
CA LYS A 64 -13.94 -8.65 -12.86
C LYS A 64 -14.48 -7.69 -11.80
N PRO A 65 -15.76 -7.30 -11.93
CA PRO A 65 -16.35 -6.30 -11.03
C PRO A 65 -16.71 -6.85 -9.66
N GLY A 66 -17.02 -5.96 -8.73
CA GLY A 66 -17.41 -6.37 -7.39
C GLY A 66 -16.23 -6.90 -6.61
N LEU A 67 -16.50 -7.53 -5.48
CA LEU A 67 -15.45 -8.04 -4.62
C LEU A 67 -14.68 -9.18 -5.29
N LEU A 68 -13.36 -9.05 -5.37
CA LEU A 68 -12.51 -10.18 -5.73
C LEU A 68 -12.04 -10.82 -4.43
N ARG A 69 -11.27 -11.89 -4.51
CA ARG A 69 -10.84 -12.57 -3.30
C ARG A 69 -10.04 -11.67 -2.35
N GLN A 70 -9.23 -10.76 -2.90
CA GLN A 70 -8.52 -9.79 -2.06
C GLN A 70 -9.50 -8.96 -1.23
N HIS A 71 -10.53 -8.42 -1.89
CA HIS A 71 -11.45 -7.51 -1.21
C HIS A 71 -12.36 -8.24 -0.24
N LEU A 72 -12.77 -9.45 -0.59
CA LEU A 72 -13.62 -10.23 0.30
C LEU A 72 -12.84 -10.63 1.55
N THR A 73 -11.58 -10.99 1.35
CA THR A 73 -10.73 -11.33 2.48
C THR A 73 -10.52 -10.09 3.37
N ALA A 74 -10.39 -8.91 2.75
CA ALA A 74 -10.30 -7.68 3.53
C ALA A 74 -11.55 -7.46 4.37
N VAL A 75 -12.71 -7.67 3.75
CA VAL A 75 -13.99 -7.52 4.42
C VAL A 75 -14.14 -8.55 5.55
N LYS A 76 -13.77 -9.80 5.27
CA LYS A 76 -13.85 -10.85 6.27
C LYS A 76 -12.95 -10.55 7.47
N ALA A 77 -11.73 -10.10 7.17
CA ALA A 77 -10.78 -9.76 8.23
C ALA A 77 -11.32 -8.63 9.11
N ALA A 78 -11.79 -7.56 8.48
CA ALA A 78 -12.39 -6.45 9.21
C ALA A 78 -13.57 -6.92 10.08
N THR A 79 -14.43 -7.76 9.52
CA THR A 79 -15.61 -8.24 10.22
C THR A 79 -15.20 -9.04 11.46
N GLU A 80 -14.25 -9.93 11.28
CA GLU A 80 -13.76 -10.78 12.37
C GLU A 80 -13.05 -9.98 13.47
N ILE A 81 -12.25 -9.00 13.11
CA ILE A 81 -11.52 -8.21 14.10
C ILE A 81 -12.46 -7.34 14.96
N CYS A 82 -13.56 -6.89 14.38
CA CYS A 82 -14.43 -5.98 15.12
C CYS A 82 -15.86 -6.49 15.32
N GLY A 83 -16.11 -7.77 15.05
CA GLY A 83 -17.43 -8.33 15.28
C GLY A 83 -18.52 -7.57 14.54
N ALA A 84 -18.25 -7.26 13.28
CA ALA A 84 -19.13 -6.39 12.50
C ALA A 84 -20.41 -7.09 12.06
N THR A 85 -21.46 -6.30 11.88
CA THR A 85 -22.71 -6.75 11.22
C THR A 85 -22.61 -6.34 9.76
N VAL A 86 -22.80 -7.30 8.86
CA VAL A 86 -22.45 -7.08 7.45
C VAL A 86 -23.47 -7.64 6.46
N GLU A 87 -23.75 -6.88 5.41
CA GLU A 87 -24.60 -7.38 4.33
C GLU A 87 -23.81 -7.33 3.03
N GLY A 88 -23.84 -8.42 2.28
CA GLY A 88 -23.25 -8.48 0.96
C GLY A 88 -21.81 -8.95 0.81
N ALA A 89 -21.22 -9.51 1.86
CA ALA A 89 -19.85 -10.00 1.73
C ALA A 89 -19.80 -11.33 0.99
N GLU A 90 -19.71 -11.26 -0.33
CA GLU A 90 -19.55 -12.47 -1.12
C GLU A 90 -18.88 -12.12 -2.45
N LEU A 91 -18.19 -13.10 -3.05
CA LEU A 91 -17.50 -12.85 -4.31
C LEU A 91 -18.43 -12.24 -5.34
N GLY A 92 -17.93 -11.21 -6.02
CA GLY A 92 -18.67 -10.54 -7.06
C GLY A 92 -19.65 -9.48 -6.58
N SER A 93 -19.80 -9.32 -5.27
CA SER A 93 -20.82 -8.40 -4.75
C SER A 93 -20.42 -6.94 -5.00
N GLN A 94 -21.37 -6.14 -5.43
CA GLN A 94 -21.09 -4.74 -5.72
C GLN A 94 -21.67 -3.79 -4.68
N ARG A 95 -22.24 -4.38 -3.63
CA ARG A 95 -22.79 -3.56 -2.55
C ARG A 95 -22.50 -4.15 -1.18
N LEU A 96 -22.00 -3.32 -0.27
CA LEU A 96 -21.69 -3.77 1.07
C LEU A 96 -22.30 -2.81 2.07
N LEU A 97 -22.81 -3.36 3.16
CA LEU A 97 -23.21 -2.56 4.30
C LEU A 97 -22.45 -3.12 5.49
N PHE A 98 -21.79 -2.24 6.23
CA PHE A 98 -20.82 -2.63 7.25
C PHE A 98 -21.05 -1.83 8.53
N ARG A 99 -21.46 -2.52 9.58
CA ARG A 99 -21.66 -1.89 10.89
CA ARG A 99 -21.66 -1.90 10.90
C ARG A 99 -20.64 -2.47 11.89
N PRO A 100 -19.60 -1.69 12.21
CA PRO A 100 -18.52 -2.23 13.05
C PRO A 100 -18.90 -2.42 14.51
N GLY A 101 -18.31 -3.42 15.16
CA GLY A 101 -18.42 -3.56 16.59
C GLY A 101 -17.10 -3.17 17.21
N THR A 102 -16.80 -3.73 18.37
CA THR A 102 -15.59 -3.39 19.10
C THR A 102 -14.37 -4.07 18.51
N VAL A 103 -13.32 -3.30 18.27
CA VAL A 103 -12.07 -3.82 17.71
C VAL A 103 -11.34 -4.63 18.79
N ARG A 104 -10.92 -5.85 18.44
CA ARG A 104 -10.15 -6.66 19.37
C ARG A 104 -8.73 -6.90 18.85
N GLY A 105 -7.74 -6.67 19.70
CA GLY A 105 -6.38 -7.01 19.37
C GLY A 105 -6.26 -8.54 19.38
N GLY A 106 -5.20 -9.06 18.80
CA GLY A 106 -4.98 -10.49 18.84
C GLY A 106 -4.11 -11.00 17.72
N ASP A 107 -4.11 -12.32 17.56
CA ASP A 107 -3.25 -12.98 16.61
C ASP A 107 -4.13 -13.58 15.52
N TYR A 108 -4.12 -12.94 14.35
CA TYR A 108 -5.04 -13.27 13.27
C TYR A 108 -4.34 -13.85 12.06
N ARG A 109 -5.06 -14.69 11.32
CA ARG A 109 -4.55 -15.31 10.09
C ARG A 109 -5.67 -15.36 9.04
N PHE A 110 -5.35 -14.97 7.81
CA PHE A 110 -6.35 -14.96 6.75
C PHE A 110 -5.76 -15.51 5.46
N ALA A 111 -6.61 -16.17 4.68
CA ALA A 111 -6.18 -16.76 3.42
C ALA A 111 -7.02 -16.22 2.27
N ILE A 112 -6.35 -15.55 1.34
CA ILE A 112 -7.01 -14.98 0.18
C ILE A 112 -7.49 -16.08 -0.77
N GLY A 113 -6.68 -17.11 -0.97
CA GLY A 113 -7.05 -18.22 -1.84
C GLY A 113 -6.89 -17.92 -3.32
N SER A 114 -6.05 -16.95 -3.63
CA SER A 114 -5.70 -16.59 -5.01
C SER A 114 -4.43 -15.77 -4.91
N ALA A 115 -3.94 -15.21 -6.01
CA ALA A 115 -2.76 -14.36 -5.96
C ALA A 115 -3.08 -12.91 -5.61
N GLY A 116 -4.28 -12.70 -5.07
CA GLY A 116 -4.67 -11.38 -4.59
C GLY A 116 -3.70 -10.88 -3.54
N SER A 117 -3.55 -9.56 -3.47
CA SER A 117 -2.51 -8.92 -2.66
C SER A 117 -2.66 -9.06 -1.14
N CYS A 118 -1.71 -9.76 -0.53
CA CYS A 118 -1.63 -9.86 0.93
C CYS A 118 -1.59 -8.50 1.60
N THR A 119 -0.74 -7.62 1.09
CA THR A 119 -0.46 -6.33 1.71
C THR A 119 -1.69 -5.40 1.70
N LEU A 120 -2.56 -5.56 0.71
CA LEU A 120 -3.75 -4.74 0.65
C LEU A 120 -4.78 -5.21 1.69
N VAL A 121 -4.83 -6.50 1.97
CA VAL A 121 -5.60 -6.95 3.11
C VAL A 121 -5.02 -6.38 4.41
N LEU A 122 -3.70 -6.45 4.57
CA LEU A 122 -3.06 -5.88 5.75
C LEU A 122 -3.33 -4.38 5.87
N GLN A 123 -3.20 -3.64 4.77
CA GLN A 123 -3.50 -2.20 4.70
C GLN A 123 -4.88 -1.88 5.25
N THR A 124 -5.79 -2.84 5.10
CA THR A 124 -7.16 -2.61 5.50
C THR A 124 -7.33 -2.64 7.02
N VAL A 125 -6.72 -3.63 7.68
CA VAL A 125 -7.03 -3.85 9.07
C VAL A 125 -6.01 -3.35 10.08
N LEU A 126 -4.75 -3.20 9.66
CA LEU A 126 -3.72 -2.69 10.58
C LEU A 126 -4.05 -1.34 11.24
N PRO A 127 -4.64 -0.39 10.48
CA PRO A 127 -4.96 0.88 11.16
C PRO A 127 -5.89 0.75 12.38
N ALA A 128 -6.88 -0.13 12.31
CA ALA A 128 -7.72 -0.39 13.47
C ALA A 128 -6.91 -0.92 14.65
N LEU A 129 -5.94 -1.79 14.35
CA LEU A 129 -5.11 -2.37 15.40
C LEU A 129 -4.14 -1.37 16.10
N TRP A 130 -3.89 -0.21 15.49
CA TRP A 130 -3.12 0.85 16.12
C TRP A 130 -3.81 1.37 17.40
N PHE A 131 -5.08 1.01 17.57
CA PHE A 131 -5.90 1.53 18.64
C PHE A 131 -6.41 0.48 19.66
N ALA A 132 -6.04 -0.78 19.46
CA ALA A 132 -6.41 -1.83 20.42
C ALA A 132 -5.62 -1.68 21.71
N ASP A 133 -5.99 -2.45 22.73
CA ASP A 133 -5.34 -2.34 24.04
C ASP A 133 -3.89 -2.79 24.02
N GLY A 134 -3.67 -3.93 23.38
CA GLY A 134 -2.33 -4.49 23.32
C GLY A 134 -1.97 -4.83 21.89
N PRO A 135 -0.76 -5.36 21.72
CA PRO A 135 -0.23 -5.62 20.38
C PRO A 135 -1.01 -6.72 19.65
N SER A 136 -0.85 -6.76 18.34
CA SER A 136 -1.49 -7.76 17.50
C SER A 136 -0.49 -8.27 16.49
N ARG A 137 -0.85 -9.36 15.84
CA ARG A 137 -0.13 -9.86 14.68
C ARG A 137 -1.16 -10.30 13.66
N VAL A 138 -0.95 -9.93 12.40
CA VAL A 138 -1.83 -10.37 11.33
C VAL A 138 -1.02 -11.02 10.23
N GLU A 139 -1.43 -12.22 9.85
CA GLU A 139 -0.75 -12.97 8.79
C GLU A 139 -1.76 -13.22 7.67
N VAL A 140 -1.37 -12.96 6.41
CA VAL A 140 -2.25 -13.15 5.26
C VAL A 140 -1.50 -13.98 4.25
N SER A 141 -2.19 -14.97 3.66
CA SER A 141 -1.61 -15.71 2.54
C SER A 141 -2.25 -15.27 1.23
N GLY A 142 -1.47 -15.28 0.15
CA GLY A 142 -1.97 -14.86 -1.14
C GLY A 142 -0.83 -14.44 -2.07
N GLY A 143 -1.06 -13.40 -2.86
CA GLY A 143 -0.03 -12.86 -3.73
C GLY A 143 0.90 -11.86 -3.04
N THR A 144 2.15 -11.81 -3.46
CA THR A 144 3.16 -10.98 -2.79
C THR A 144 3.88 -9.98 -3.69
N ASP A 145 3.76 -10.17 -5.00
CA ASP A 145 4.46 -9.31 -5.96
C ASP A 145 3.52 -8.79 -7.05
N ASN A 146 2.26 -8.57 -6.69
CA ASN A 146 1.28 -7.94 -7.58
C ASN A 146 1.80 -6.60 -8.06
N PRO A 147 1.72 -6.35 -9.38
CA PRO A 147 2.23 -5.12 -10.00
C PRO A 147 1.55 -3.83 -9.53
N SER A 148 0.32 -3.94 -9.05
CA SER A 148 -0.44 -2.74 -8.68
C SER A 148 -0.83 -2.74 -7.21
N ALA A 149 0.14 -3.05 -6.35
CA ALA A 149 -0.07 -3.09 -4.91
C ALA A 149 1.28 -2.89 -4.26
N PRO A 150 1.31 -2.43 -3.00
CA PRO A 150 2.61 -2.21 -2.36
C PRO A 150 3.28 -3.53 -1.97
N PRO A 151 4.51 -3.77 -2.48
CA PRO A 151 5.25 -4.97 -2.11
C PRO A 151 5.58 -4.89 -0.63
N ALA A 152 5.71 -6.04 0.01
CA ALA A 152 6.15 -6.10 1.40
C ALA A 152 7.39 -5.25 1.68
N ASP A 153 8.36 -5.28 0.78
CA ASP A 153 9.57 -4.49 0.94
C ASP A 153 9.32 -2.98 0.91
N PHE A 154 8.33 -2.55 0.14
CA PHE A 154 7.92 -1.15 0.12
C PHE A 154 7.32 -0.77 1.47
N ILE A 155 6.41 -1.61 1.97
CA ILE A 155 5.79 -1.34 3.26
C ILE A 155 6.88 -1.26 4.34
N ARG A 156 7.80 -2.22 4.30
CA ARG A 156 8.82 -2.35 5.33
C ARG A 156 9.87 -1.22 5.26
N ARG A 157 10.30 -0.88 4.06
CA ARG A 157 11.45 0.02 3.92
C ARG A 157 11.09 1.47 3.61
N VAL A 158 9.85 1.73 3.18
CA VAL A 158 9.44 3.09 2.82
C VAL A 158 8.35 3.62 3.74
N LEU A 159 7.26 2.88 3.82
CA LEU A 159 6.11 3.32 4.62
C LEU A 159 6.34 3.23 6.12
N GLU A 160 6.73 2.06 6.58
CA GLU A 160 6.87 1.85 8.01
C GLU A 160 7.84 2.80 8.74
N PRO A 161 8.96 3.17 8.09
CA PRO A 161 9.83 4.13 8.80
C PRO A 161 9.15 5.51 8.97
N LEU A 162 8.24 5.84 8.06
CA LEU A 162 7.50 7.10 8.15
C LEU A 162 6.39 7.00 9.18
N LEU A 163 5.68 5.87 9.17
CA LEU A 163 4.71 5.59 10.22
C LEU A 163 5.35 5.72 11.60
N ALA A 164 6.58 5.24 11.75
CA ALA A 164 7.32 5.35 13.03
C ALA A 164 7.51 6.79 13.47
N LYS A 165 7.82 7.65 12.51
CA LYS A 165 7.98 9.08 12.79
C LYS A 165 6.66 9.74 13.22
N ILE A 166 5.55 9.13 12.83
CA ILE A 166 4.22 9.61 13.20
C ILE A 166 3.80 9.03 14.57
N GLY A 167 4.51 8.02 15.02
CA GLY A 167 4.20 7.45 16.34
C GLY A 167 3.52 6.10 16.24
N ILE A 168 3.44 5.58 15.01
CA ILE A 168 2.76 4.33 14.73
C ILE A 168 3.82 3.25 14.54
N HIS A 169 3.75 2.19 15.33
CA HIS A 169 4.80 1.18 15.26
C HIS A 169 4.28 -0.17 14.78
N GLN A 170 4.63 -0.49 13.53
CA GLN A 170 4.28 -1.76 12.94
C GLN A 170 5.47 -2.26 12.13
N GLN A 171 5.64 -3.57 12.12
CA GLN A 171 6.72 -4.18 11.37
C GLN A 171 6.21 -5.31 10.49
N THR A 172 6.42 -5.15 9.19
CA THR A 172 5.98 -6.13 8.21
C THR A 172 7.15 -6.98 7.74
N THR A 173 6.89 -8.27 7.57
CA THR A 173 7.88 -9.24 7.12
C THR A 173 7.26 -10.16 6.07
N LEU A 174 7.90 -10.27 4.92
CA LEU A 174 7.50 -11.27 3.95
C LEU A 174 8.10 -12.63 4.35
N LEU A 175 7.23 -13.62 4.54
CA LEU A 175 7.63 -14.94 4.98
C LEU A 175 7.90 -15.85 3.78
N ARG A 176 7.07 -15.71 2.75
CA ARG A 176 7.22 -16.48 1.53
C ARG A 176 6.67 -15.69 0.35
N HIS A 177 7.27 -15.85 -0.82
CA HIS A 177 6.76 -15.24 -2.03
C HIS A 177 5.68 -16.09 -2.68
N GLY A 178 4.74 -15.42 -3.35
CA GLY A 178 3.70 -16.12 -4.09
C GLY A 178 3.39 -15.29 -5.32
N PHE A 179 3.81 -15.76 -6.48
CA PHE A 179 3.57 -15.02 -7.71
C PHE A 179 2.22 -15.36 -8.35
N TYR A 180 1.77 -14.48 -9.25
CA TYR A 180 0.58 -14.75 -10.05
C TYR A 180 0.91 -15.86 -11.06
N PRO A 181 -0.02 -16.81 -11.26
CA PRO A 181 -1.37 -16.83 -10.70
C PRO A 181 -1.54 -17.79 -9.52
N ALA A 182 -0.48 -18.48 -9.11
CA ALA A 182 -0.60 -19.54 -8.11
C ALA A 182 -0.72 -19.02 -6.67
N GLY A 183 -0.11 -17.87 -6.40
CA GLY A 183 -0.12 -17.32 -5.05
C GLY A 183 0.64 -18.21 -4.09
N GLY A 184 0.12 -18.34 -2.88
CA GLY A 184 0.76 -19.14 -1.85
C GLY A 184 1.87 -18.43 -1.10
N GLY A 185 1.96 -17.11 -1.26
CA GLY A 185 2.91 -16.31 -0.49
C GLY A 185 2.33 -15.99 0.86
N VAL A 186 3.16 -15.49 1.78
CA VAL A 186 2.74 -15.17 3.13
C VAL A 186 3.42 -13.90 3.64
N VAL A 187 2.61 -12.94 4.08
CA VAL A 187 3.12 -11.71 4.67
C VAL A 187 2.52 -11.56 6.07
N ALA A 188 3.33 -11.16 7.04
CA ALA A 188 2.84 -10.94 8.41
C ALA A 188 3.24 -9.56 8.93
N THR A 189 2.40 -8.99 9.78
CA THR A 189 2.73 -7.71 10.37
C THR A 189 2.49 -7.72 11.86
N GLU A 190 3.50 -7.28 12.62
CA GLU A 190 3.38 -7.10 14.05
C GLU A 190 3.07 -5.64 14.33
N VAL A 191 2.09 -5.39 15.17
CA VAL A 191 1.65 -4.02 15.45
CA VAL A 191 1.69 -4.01 15.43
C VAL A 191 1.51 -3.77 16.93
N SER A 192 1.87 -2.57 17.38
CA SER A 192 1.69 -2.14 18.76
C SER A 192 0.76 -0.93 18.76
N PRO A 193 -0.11 -0.81 19.78
CA PRO A 193 -0.96 0.37 19.85
C PRO A 193 -0.16 1.67 19.98
N VAL A 194 -0.67 2.73 19.37
CA VAL A 194 -0.05 4.05 19.43
C VAL A 194 -0.09 4.59 20.86
N ALA A 195 1.06 4.97 21.40
CA ALA A 195 1.10 5.65 22.70
C ALA A 195 0.87 7.14 22.50
N SER A 196 1.60 7.72 21.55
CA SER A 196 1.47 9.14 21.24
CA SER A 196 1.47 9.14 21.24
C SER A 196 1.83 9.41 19.77
N PHE A 197 1.09 10.34 19.16
CA PHE A 197 1.31 10.74 17.77
C PHE A 197 2.32 11.88 17.70
N ASN A 198 3.09 11.91 16.61
CA ASN A 198 4.02 12.98 16.37
C ASN A 198 3.70 13.62 15.03
N THR A 199 4.30 14.78 14.79
CA THR A 199 4.04 15.51 13.56
C THR A 199 5.19 15.27 12.62
N LEU A 200 4.84 14.85 11.40
CA LEU A 200 5.81 14.63 10.38
C LEU A 200 5.49 15.56 9.23
N GLN A 201 6.44 16.43 8.88
CA GLN A 201 6.28 17.33 7.74
C GLN A 201 7.38 17.07 6.73
N LEU A 202 6.99 16.56 5.55
CA LEU A 202 7.93 16.32 4.47
C LEU A 202 7.84 17.47 3.49
N GLY A 203 9.01 18.06 3.18
CA GLY A 203 9.10 19.14 2.21
C GLY A 203 9.72 18.60 0.94
N GLU A 204 10.80 19.21 0.47
CA GLU A 204 11.47 18.71 -0.74
C GLU A 204 12.21 17.41 -0.48
N ARG A 205 12.52 16.70 -1.56
CA ARG A 205 13.15 15.40 -1.46
C ARG A 205 14.57 15.49 -0.89
N GLY A 206 15.27 16.58 -1.19
CA GLY A 206 16.65 16.70 -0.75
C GLY A 206 17.56 16.00 -1.73
N ASN A 207 18.87 16.05 -1.49
CA ASN A 207 19.84 15.41 -2.37
C ASN A 207 19.84 13.90 -2.25
N ILE A 208 20.26 13.23 -3.32
CA ILE A 208 20.42 11.77 -3.32
C ILE A 208 21.58 11.34 -2.41
N VAL A 209 21.32 10.35 -1.55
CA VAL A 209 22.38 9.78 -0.72
C VAL A 209 22.84 8.45 -1.31
N GLN A 210 21.89 7.56 -1.60
CA GLN A 210 22.19 6.25 -2.19
C GLN A 210 21.06 5.79 -3.10
N MET A 211 21.40 5.23 -4.25
CA MET A 211 20.43 4.44 -5.00
C MET A 211 20.84 2.99 -4.94
N ARG A 212 19.85 2.10 -4.82
CA ARG A 212 20.10 0.67 -4.68
C ARG A 212 19.17 -0.12 -5.62
N GLY A 213 19.76 -0.91 -6.52
CA GLY A 213 18.99 -1.71 -7.45
C GLY A 213 18.85 -3.17 -7.00
N GLU A 214 17.71 -3.78 -7.30
CA GLU A 214 17.46 -5.16 -6.84
C GLU A 214 16.62 -5.95 -7.83
N VAL A 215 17.02 -7.20 -8.10
CA VAL A 215 16.19 -8.10 -8.90
C VAL A 215 15.81 -9.34 -8.10
N LEU A 216 14.53 -9.71 -8.20
CA LEU A 216 14.04 -10.95 -7.65
C LEU A 216 13.74 -11.93 -8.79
N LEU A 217 14.13 -13.20 -8.59
CA LEU A 217 14.03 -14.22 -9.62
C LEU A 217 13.44 -15.47 -9.02
N ALA A 218 12.47 -16.06 -9.73
CA ALA A 218 11.97 -17.37 -9.37
C ALA A 218 11.58 -18.08 -10.65
N GLY A 219 12.27 -19.17 -10.97
CA GLY A 219 12.00 -19.93 -12.17
C GLY A 219 12.29 -19.13 -13.43
N VAL A 220 13.16 -18.14 -13.28
CA VAL A 220 13.56 -17.28 -14.38
C VAL A 220 15.08 -17.31 -14.45
N PRO A 221 15.63 -17.51 -15.67
CA PRO A 221 17.07 -17.65 -15.86
C PRO A 221 17.86 -16.48 -15.29
N ARG A 222 18.98 -16.79 -14.64
CA ARG A 222 19.79 -15.80 -13.92
C ARG A 222 20.27 -14.64 -14.79
N HIS A 223 20.37 -14.85 -16.09
CA HIS A 223 20.94 -13.81 -16.94
C HIS A 223 19.93 -12.67 -17.13
N VAL A 224 18.67 -12.97 -16.90
CA VAL A 224 17.64 -11.94 -16.92
C VAL A 224 17.96 -10.86 -15.89
N ALA A 225 18.36 -11.28 -14.70
CA ALA A 225 18.70 -10.35 -13.64
C ALA A 225 19.89 -9.44 -14.00
N GLU A 226 20.91 -10.01 -14.62
CA GLU A 226 22.14 -9.27 -14.89
C GLU A 226 21.89 -8.20 -15.94
N ARG A 227 21.10 -8.56 -16.94
CA ARG A 227 20.72 -7.63 -17.99
C ARG A 227 19.86 -6.48 -17.43
N GLU A 228 18.99 -6.80 -16.48
CA GLU A 228 18.14 -5.80 -15.86
C GLU A 228 18.95 -4.78 -15.06
N ILE A 229 19.85 -5.28 -14.22
CA ILE A 229 20.73 -4.44 -13.42
C ILE A 229 21.66 -3.57 -14.25
N ALA A 230 22.18 -4.14 -15.34
CA ALA A 230 23.09 -3.43 -16.21
C ALA A 230 22.43 -2.16 -16.75
N THR A 231 21.18 -2.30 -17.16
CA THR A 231 20.36 -1.17 -17.61
C THR A 231 20.25 -0.09 -16.52
N LEU A 232 19.94 -0.51 -15.30
CA LEU A 232 19.85 0.41 -14.18
C LEU A 232 21.18 1.15 -13.91
N ALA A 233 22.30 0.44 -13.96
CA ALA A 233 23.61 1.01 -13.61
C ALA A 233 24.13 1.96 -14.69
N GLY A 234 23.71 1.72 -15.93
CA GLY A 234 24.07 2.59 -17.02
C GLY A 234 23.54 3.99 -16.77
N SER A 235 22.36 4.06 -16.16
CA SER A 235 21.72 5.34 -15.91
C SER A 235 21.99 5.90 -14.52
N PHE A 236 22.24 5.03 -13.54
CA PHE A 236 22.41 5.48 -12.16
C PHE A 236 23.67 4.94 -11.49
N SER A 237 24.26 5.76 -10.62
CA SER A 237 25.30 5.28 -9.72
C SER A 237 24.63 4.48 -8.61
N LEU A 238 24.95 3.18 -8.54
CA LEU A 238 24.30 2.30 -7.59
C LEU A 238 25.19 1.91 -6.43
N HIS A 239 24.78 2.29 -5.22
CA HIS A 239 25.52 1.88 -4.03
C HIS A 239 25.37 0.39 -3.77
N GLU A 240 24.32 -0.20 -4.33
CA GLU A 240 24.10 -1.63 -4.20
C GLU A 240 23.52 -2.19 -5.51
N GLN A 241 23.93 -3.42 -5.84
CA GLN A 241 23.32 -4.17 -6.93
C GLN A 241 23.05 -5.58 -6.43
N ASN A 242 21.79 -5.90 -6.20
CA ASN A 242 21.40 -7.12 -5.51
C ASN A 242 20.58 -8.06 -6.36
N ILE A 243 20.95 -9.33 -6.37
CA ILE A 243 20.15 -10.32 -7.08
C ILE A 243 19.70 -11.42 -6.10
N HIS A 244 18.39 -11.61 -6.01
CA HIS A 244 17.79 -12.58 -5.09
C HIS A 244 17.15 -13.71 -5.86
N ASN A 245 17.68 -14.93 -5.71
CA ASN A 245 17.13 -16.08 -6.40
C ASN A 245 16.35 -16.94 -5.42
N LEU A 246 15.16 -17.36 -5.84
CA LEU A 246 14.23 -18.14 -5.02
C LEU A 246 13.94 -19.52 -5.63
N PRO A 247 13.29 -20.44 -4.89
CA PRO A 247 12.96 -21.71 -5.53
C PRO A 247 11.88 -21.53 -6.59
N ARG A 248 11.88 -22.41 -7.58
CA ARG A 248 11.06 -22.26 -8.77
C ARG A 248 9.56 -22.34 -8.48
N ASP A 249 9.19 -22.96 -7.35
CA ASP A 249 7.78 -23.07 -6.96
C ASP A 249 7.19 -21.75 -6.45
N GLN A 250 8.06 -20.87 -5.96
CA GLN A 250 7.62 -19.55 -5.54
C GLN A 250 7.26 -18.74 -6.78
N GLY A 251 7.75 -19.18 -7.94
CA GLY A 251 7.52 -18.50 -9.21
C GLY A 251 6.59 -19.26 -10.14
N PRO A 252 6.71 -19.04 -11.47
CA PRO A 252 7.65 -18.16 -12.21
C PRO A 252 7.41 -16.69 -11.96
N GLY A 253 8.45 -15.99 -11.49
CA GLY A 253 8.33 -14.59 -11.15
C GLY A 253 9.61 -13.81 -11.31
N ASN A 254 9.45 -12.50 -11.50
CA ASN A 254 10.56 -11.61 -11.74
C ASN A 254 10.16 -10.18 -11.43
N THR A 255 10.86 -9.54 -10.49
CA THR A 255 10.64 -8.11 -10.25
C THR A 255 11.96 -7.37 -10.25
N VAL A 256 11.89 -6.10 -10.62
CA VAL A 256 13.04 -5.23 -10.61
C VAL A 256 12.67 -4.00 -9.78
N SER A 257 13.53 -3.66 -8.83
CA SER A 257 13.25 -2.56 -7.91
C SER A 257 14.41 -1.59 -7.84
N LEU A 258 14.09 -0.32 -7.67
CA LEU A 258 15.08 0.70 -7.38
C LEU A 258 14.68 1.46 -6.12
N GLU A 259 15.58 1.46 -5.15
CA GLU A 259 15.38 2.20 -3.92
C GLU A 259 16.17 3.50 -3.96
N VAL A 260 15.48 4.60 -3.74
CA VAL A 260 16.13 5.90 -3.80
C VAL A 260 16.19 6.54 -2.42
N GLU A 261 17.38 6.56 -1.84
CA GLU A 261 17.55 7.21 -0.56
C GLU A 261 18.01 8.65 -0.79
N SER A 262 17.15 9.59 -0.40
CA SER A 262 17.53 10.99 -0.46
C SER A 262 17.75 11.47 0.97
N GLU A 263 18.29 12.68 1.13
CA GLU A 263 18.59 13.17 2.47
C GLU A 263 17.37 13.21 3.37
N ASN A 264 16.22 13.56 2.80
CA ASN A 264 15.01 13.81 3.58
C ASN A 264 14.04 12.62 3.59
N ILE A 265 14.26 11.65 2.71
CA ILE A 265 13.31 10.54 2.55
C ILE A 265 13.91 9.39 1.73
N THR A 266 13.36 8.20 1.94
CA THR A 266 13.65 7.04 1.08
C THR A 266 12.38 6.62 0.33
N GLU A 267 12.51 6.41 -0.98
CA GLU A 267 11.41 5.91 -1.77
C GLU A 267 11.85 4.64 -2.47
N ARG A 268 10.91 3.92 -3.04
CA ARG A 268 11.23 2.66 -3.70
C ARG A 268 10.24 2.40 -4.83
N PHE A 269 10.76 2.07 -6.00
CA PHE A 269 9.90 1.86 -7.17
C PHE A 269 10.16 0.46 -7.68
N PHE A 270 9.15 -0.16 -8.30
CA PHE A 270 9.34 -1.52 -8.81
C PHE A 270 8.49 -1.83 -10.02
N VAL A 271 8.98 -2.75 -10.84
CA VAL A 271 8.24 -3.24 -12.00
CA VAL A 271 8.22 -3.24 -11.99
C VAL A 271 8.24 -4.76 -11.96
N VAL A 272 7.21 -5.37 -12.54
CA VAL A 272 7.10 -6.82 -12.58
C VAL A 272 7.22 -7.31 -14.02
N GLY A 273 8.27 -8.08 -14.30
CA GLY A 273 8.49 -8.66 -15.62
C GLY A 273 7.34 -9.55 -16.05
N GLU A 274 7.06 -9.57 -17.35
CA GLU A 274 6.01 -10.42 -17.90
C GLU A 274 6.61 -11.30 -19.00
N LYS A 275 5.88 -12.34 -19.37
CA LYS A 275 6.41 -13.35 -20.29
C LYS A 275 6.84 -12.79 -21.64
N ARG A 276 5.97 -12.00 -22.28
CA ARG A 276 6.27 -11.50 -23.61
C ARG A 276 6.91 -10.12 -23.64
N VAL A 277 7.39 -9.67 -22.48
CA VAL A 277 8.18 -8.45 -22.40
C VAL A 277 9.59 -8.81 -21.98
N SER A 278 10.58 -8.19 -22.63
CA SER A 278 11.97 -8.56 -22.43
C SER A 278 12.57 -7.92 -21.19
N ALA A 279 13.75 -8.39 -20.79
CA ALA A 279 14.40 -7.92 -19.57
C ALA A 279 14.82 -6.46 -19.67
N GLU A 280 15.51 -6.12 -20.77
CA GLU A 280 16.10 -4.80 -20.94
C GLU A 280 15.06 -3.67 -20.94
N VAL A 281 13.84 -3.97 -21.38
CA VAL A 281 12.78 -2.98 -21.40
C VAL A 281 12.01 -2.93 -20.09
N VAL A 282 11.96 -4.05 -19.39
CA VAL A 282 11.35 -4.10 -18.06
C VAL A 282 12.10 -3.13 -17.15
N ALA A 283 13.44 -3.20 -17.21
CA ALA A 283 14.29 -2.29 -16.45
C ALA A 283 14.15 -0.86 -16.96
N ALA A 284 13.75 -0.72 -18.22
CA ALA A 284 13.70 0.57 -18.87
C ALA A 284 12.51 1.39 -18.39
N GLN A 285 11.36 0.74 -18.25
CA GLN A 285 10.18 1.41 -17.73
C GLN A 285 10.30 1.72 -16.23
N LEU A 286 11.16 0.98 -15.52
CA LEU A 286 11.49 1.33 -14.15
C LEU A 286 12.33 2.60 -14.11
N VAL A 287 13.37 2.66 -14.93
CA VAL A 287 14.24 3.83 -15.03
C VAL A 287 13.42 5.07 -15.42
N LYS A 288 12.38 4.86 -16.22
CA LYS A 288 11.48 5.94 -16.63
C LYS A 288 10.65 6.47 -15.46
N GLU A 289 9.96 5.56 -14.78
CA GLU A 289 9.21 5.88 -13.57
C GLU A 289 10.10 6.59 -12.54
N VAL A 290 11.33 6.15 -12.41
CA VAL A 290 12.25 6.72 -11.42
C VAL A 290 12.74 8.13 -11.80
N LYS A 291 13.06 8.34 -13.07
CA LYS A 291 13.46 9.68 -13.51
C LYS A 291 12.28 10.65 -13.41
N ARG A 292 11.07 10.15 -13.58
CA ARG A 292 9.86 10.94 -13.37
C ARG A 292 9.77 11.44 -11.93
N TYR A 293 10.09 10.57 -10.97
CA TYR A 293 10.16 10.96 -9.57
C TYR A 293 11.25 12.00 -9.32
N LEU A 294 12.43 11.77 -9.88
CA LEU A 294 13.58 12.64 -9.63
C LEU A 294 13.48 14.00 -10.35
N ALA A 295 12.64 14.06 -11.37
CA ALA A 295 12.47 15.27 -12.17
C ALA A 295 11.70 16.33 -11.38
N SER A 296 11.07 15.91 -10.29
CA SER A 296 10.36 16.82 -9.40
C SER A 296 11.13 16.95 -8.08
N THR A 297 10.83 18.00 -7.33
CA THR A 297 11.38 18.15 -6.00
C THR A 297 10.49 17.49 -4.93
N ALA A 298 9.36 16.92 -5.37
CA ALA A 298 8.42 16.31 -4.44
C ALA A 298 9.12 15.24 -3.60
N ALA A 299 8.83 15.22 -2.29
CA ALA A 299 9.40 14.22 -1.39
C ALA A 299 8.87 12.83 -1.67
N VAL A 300 7.54 12.75 -1.80
CA VAL A 300 6.83 11.50 -1.83
C VAL A 300 6.39 11.15 -3.26
N GLY A 301 6.52 9.88 -3.65
CA GLY A 301 6.05 9.42 -4.94
C GLY A 301 4.54 9.23 -4.98
N GLU A 302 4.03 8.85 -6.15
CA GLU A 302 2.58 8.78 -6.40
C GLU A 302 1.81 7.90 -5.42
N TYR A 303 2.41 6.75 -5.10
CA TYR A 303 1.72 5.70 -4.34
C TYR A 303 1.83 5.92 -2.84
N LEU A 304 3.04 6.23 -2.38
CA LEU A 304 3.25 6.53 -0.98
C LEU A 304 2.30 7.66 -0.55
N ALA A 305 2.11 8.65 -1.42
CA ALA A 305 1.22 9.76 -1.09
C ALA A 305 -0.15 9.30 -0.60
N ASP A 306 -0.81 8.39 -1.35
CA ASP A 306 -2.13 7.96 -0.92
C ASP A 306 -2.08 7.11 0.36
N GLN A 307 -0.90 6.54 0.65
CA GLN A 307 -0.79 5.66 1.82
C GLN A 307 -0.42 6.43 3.08
N LEU A 308 -0.13 7.72 2.95
CA LEU A 308 0.17 8.58 4.11
C LEU A 308 -1.06 9.34 4.62
N VAL A 309 -2.13 9.36 3.81
CA VAL A 309 -3.32 10.15 4.13
C VAL A 309 -4.00 9.72 5.42
N LEU A 310 -4.26 8.43 5.53
CA LEU A 310 -4.95 7.94 6.74
C LEU A 310 -4.08 8.06 8.00
N PRO A 311 -2.81 7.60 7.95
CA PRO A 311 -1.94 7.77 9.13
C PRO A 311 -1.86 9.23 9.62
N MET A 312 -1.62 10.17 8.71
CA MET A 312 -1.53 11.55 9.14
C MET A 312 -2.87 12.09 9.63
N ALA A 313 -3.96 11.70 8.99
CA ALA A 313 -5.29 12.09 9.45
C ALA A 313 -5.56 11.60 10.88
N LEU A 314 -5.19 10.36 11.16
CA LEU A 314 -5.40 9.80 12.49
C LEU A 314 -4.49 10.48 13.52
N ALA A 315 -3.36 11.00 13.05
CA ALA A 315 -2.43 11.75 13.88
C ALA A 315 -2.90 13.17 14.18
N GLY A 316 -3.78 13.69 13.33
CA GLY A 316 -4.30 15.03 13.50
C GLY A 316 -3.40 16.12 12.94
N ALA A 317 -2.26 15.72 12.38
CA ALA A 317 -1.31 16.66 11.82
C ALA A 317 -0.36 15.99 10.86
N GLY A 318 0.26 16.79 10.01
CA GLY A 318 1.25 16.29 9.09
C GLY A 318 1.07 16.88 7.72
N GLU A 319 2.09 16.75 6.89
CA GLU A 319 2.04 17.22 5.51
C GLU A 319 3.13 16.58 4.69
N PHE A 320 2.97 16.63 3.37
CA PHE A 320 4.00 16.12 2.47
C PHE A 320 3.82 16.77 1.12
N THR A 321 4.80 16.65 0.26
CA THR A 321 4.67 17.16 -1.09
C THR A 321 4.66 15.99 -2.05
N VAL A 322 3.84 16.11 -3.10
CA VAL A 322 3.74 15.09 -4.14
C VAL A 322 3.62 15.80 -5.49
N ALA A 323 4.19 15.21 -6.54
CA ALA A 323 4.17 15.86 -7.85
C ALA A 323 2.78 15.91 -8.51
N HIS A 324 2.09 14.78 -8.55
CA HIS A 324 0.79 14.74 -9.23
C HIS A 324 -0.20 13.95 -8.38
N PRO A 325 -1.03 14.66 -7.60
CA PRO A 325 -2.00 13.96 -6.74
C PRO A 325 -2.85 12.99 -7.55
N SER A 326 -2.87 11.72 -7.15
CA SER A 326 -3.58 10.71 -7.92
C SER A 326 -5.04 10.63 -7.51
N SER A 327 -5.82 9.89 -8.28
CA SER A 327 -7.22 9.63 -7.94
C SER A 327 -7.33 8.94 -6.57
N ASN A 328 -6.49 7.94 -6.33
CA ASN A 328 -6.50 7.24 -5.02
C ASN A 328 -6.14 8.17 -3.87
N LEU A 329 -5.17 9.06 -4.08
CA LEU A 329 -4.87 10.06 -3.06
C LEU A 329 -6.10 10.90 -2.73
N LEU A 330 -6.74 11.43 -3.78
CA LEU A 330 -7.90 12.31 -3.59
C LEU A 330 -9.10 11.54 -3.00
N THR A 331 -9.29 10.30 -3.44
CA THR A 331 -10.32 9.43 -2.83
C THR A 331 -10.07 9.22 -1.34
N ASN A 332 -8.85 8.86 -0.98
CA ASN A 332 -8.50 8.69 0.41
C ASN A 332 -8.77 9.94 1.24
N ILE A 333 -8.41 11.10 0.70
CA ILE A 333 -8.71 12.34 1.42
C ILE A 333 -10.22 12.50 1.63
N ALA A 334 -10.97 12.22 0.58
CA ALA A 334 -12.43 12.41 0.64
C ALA A 334 -13.07 11.47 1.67
N VAL A 335 -12.63 10.22 1.68
CA VAL A 335 -13.16 9.23 2.63
C VAL A 335 -12.78 9.61 4.06
N VAL A 336 -11.53 10.03 4.25
CA VAL A 336 -11.11 10.50 5.56
C VAL A 336 -12.00 11.63 6.06
N GLU A 337 -12.28 12.60 5.20
CA GLU A 337 -13.09 13.74 5.60
C GLU A 337 -14.55 13.40 5.90
N ARG A 338 -15.04 12.27 5.37
CA ARG A 338 -16.41 11.82 5.68
C ARG A 338 -16.46 11.20 7.08
N PHE A 339 -15.36 10.55 7.45
CA PHE A 339 -15.29 9.79 8.71
C PHE A 339 -14.70 10.56 9.90
N LEU A 340 -13.85 11.54 9.63
CA LEU A 340 -13.08 12.25 10.67
C LEU A 340 -13.25 13.75 10.55
N PRO A 341 -13.08 14.49 11.66
CA PRO A 341 -13.20 15.96 11.61
C PRO A 341 -12.00 16.67 10.96
N VAL A 342 -10.98 15.93 10.54
CA VAL A 342 -9.83 16.55 9.91
C VAL A 342 -10.14 17.06 8.51
N ARG A 343 -9.41 18.10 8.10
CA ARG A 343 -9.54 18.60 6.76
C ARG A 343 -8.17 18.81 6.11
N PHE A 344 -8.06 18.45 4.84
CA PHE A 344 -6.82 18.59 4.08
C PHE A 344 -6.83 19.82 3.17
N SER A 345 -5.69 20.47 3.11
CA SER A 345 -5.49 21.51 2.12
CA SER A 345 -5.44 21.54 2.15
C SER A 345 -4.52 21.00 1.07
N LEU A 346 -4.78 21.35 -0.18
CA LEU A 346 -3.88 20.99 -1.26
C LEU A 346 -3.49 22.25 -2.01
N ILE A 347 -2.22 22.63 -1.89
CA ILE A 347 -1.74 23.82 -2.56
C ILE A 347 -0.54 23.51 -3.45
N GLU A 348 -0.66 23.84 -4.72
CA GLU A 348 0.42 23.62 -5.67
C GLU A 348 1.36 24.82 -5.75
N THR A 349 2.65 24.57 -5.61
CA THR A 349 3.67 25.58 -5.88
C THR A 349 4.60 25.02 -6.95
N ASP A 350 4.54 25.60 -8.15
CA ASP A 350 5.47 25.24 -9.21
C ASP A 350 5.53 23.74 -9.49
N GLY A 351 4.39 23.13 -9.81
CA GLY A 351 4.37 21.74 -10.24
C GLY A 351 4.45 20.72 -9.11
N VAL A 352 4.43 21.20 -7.87
CA VAL A 352 4.49 20.32 -6.71
C VAL A 352 3.37 20.68 -5.76
N THR A 353 2.59 19.67 -5.35
CA THR A 353 1.44 19.90 -4.48
C THR A 353 1.73 19.57 -3.03
N ARG A 354 1.50 20.54 -2.15
CA ARG A 354 1.69 20.32 -0.72
C ARG A 354 0.35 19.86 -0.17
N VAL A 355 0.33 18.65 0.40
CA VAL A 355 -0.87 18.09 1.00
C VAL A 355 -0.72 18.26 2.50
N SER A 356 -1.61 19.00 3.15
CA SER A 356 -1.41 19.28 4.57
C SER A 356 -2.68 19.19 5.39
N ILE A 357 -2.55 18.81 6.65
CA ILE A 357 -3.71 18.84 7.53
C ILE A 357 -3.90 20.25 8.06
N GLU A 358 -5.10 20.76 7.92
CA GLU A 358 -5.40 22.14 8.30
C GLU A 358 -5.41 22.26 9.82
PG ATP B . -8.47 -2.10 -8.64
O1G ATP B . -8.24 -0.62 -8.88
O2G ATP B . -9.15 -2.42 -7.33
O3G ATP B . -9.07 -2.79 -9.85
PB ATP B . -5.64 -2.09 -7.99
O1B ATP B . -5.13 -1.12 -9.03
O2B ATP B . -4.69 -3.21 -7.67
O3B ATP B . -7.00 -2.77 -8.52
PA ATP B . -6.21 0.20 -6.20
O1A ATP B . -7.65 0.51 -5.90
O2A ATP B . -5.40 1.04 -7.15
O3A ATP B . -6.11 -1.39 -6.58
O5' ATP B . -5.30 0.28 -4.86
C5' ATP B . -3.88 0.38 -5.05
C4' ATP B . -3.14 0.55 -3.72
O4' ATP B . -1.85 -0.05 -3.91
C3' ATP B . -2.87 2.03 -3.46
O3' ATP B . -2.62 2.24 -2.06
C2' ATP B . -1.53 2.23 -4.15
O2' ATP B . -0.79 3.33 -3.63
C1' ATP B . -0.81 0.92 -3.86
N9 ATP B . 0.21 0.73 -4.91
C8 ATP B . -0.07 0.50 -6.21
N7 ATP B . 1.06 0.41 -6.94
C5 ATP B . 2.09 0.59 -6.10
C6 ATP B . 3.56 0.60 -6.24
N6 ATP B . 4.14 0.40 -7.46
N1 ATP B . 4.30 0.83 -5.13
C2 ATP B . 3.71 1.03 -3.93
N3 ATP B . 2.39 1.03 -3.73
C4 ATP B . 1.53 0.80 -4.76
MN MN C . -6.40 0.75 -9.27
S SO4 D . -9.47 -13.45 -7.70
O1 SO4 D . -9.21 -14.84 -8.07
O2 SO4 D . -9.62 -12.63 -8.90
O3 SO4 D . -10.71 -13.42 -6.93
O4 SO4 D . -8.33 -12.93 -6.93
C1 GOL E . 0.46 -12.10 19.13
O1 GOL E . 0.26 -13.23 19.95
C2 GOL E . 0.21 -10.83 19.91
O2 GOL E . 0.67 -9.75 19.11
C3 GOL E . -1.29 -10.68 20.13
O3 GOL E . -1.51 -9.92 21.29
C1 EDO F . -0.27 0.46 3.32
O1 EDO F . -0.73 0.29 1.98
C2 EDO F . -0.23 -0.91 4.01
O2 EDO F . 0.27 -0.81 5.36
C1 EDO G . 16.18 -8.57 4.30
O1 EDO G . 15.80 -7.47 5.13
C2 EDO G . 14.96 -9.15 3.58
O2 EDO G . 14.60 -8.31 2.49
#